data_6U2P
#
_entry.id   6U2P
#
_cell.length_a   62.851
_cell.length_b   70.647
_cell.length_c   149.345
_cell.angle_alpha   90.000
_cell.angle_beta   90.000
_cell.angle_gamma   90.000
#
_symmetry.space_group_name_H-M   'P 21 21 21'
#
loop_
_entity.id
_entity.type
_entity.pdbx_description
1 polymer 'Proprotein convertase subtilisin/kexin type 9'
2 non-polymer 1,2-ETHANEDIOL
3 non-polymer '2-fluoro-4-{[(1R)-6-methoxy-1-methyl-1-{2-oxo-2-[(1,3-thiazol-2-yl)amino]ethyl}-1,2,3,4-tetrahydroisoquinolin-7-yl]oxy}benzoic acid'
4 water water
#
_entity_poly.entity_id   1
_entity_poly.type   'polypeptide(L)'
_entity_poly.pdbx_seq_one_letter_code
;QEDEDGDYEELVLALRSEEDGLAEAPEHGTTATFHRCAKDPWRLPGTYVVVLKEETHLSQSERTARRLQAQAARRGYLTK
ILHVFHGLLPGFLVKMSGDLLELALKLPHVDYIEEDSSVFAQSIPWNLERITPPRYRADEYQPPDGGSLVEVYLLDTSIQ
SDHREIEGRVMVTDFENVPEEDGTRFHRQASKCDSHGTHLAGVVSGRDAGVAKGASMRSLRVLNCQGKGTVSGTLIGLEF
IRKSQLVQPVGPLVVLLPLAGGYSRVLNAACQRLARAGVVLVTAAGNFRDDACLYSPASAPEVITVGATNAQDQPVTLGT
LGTNFGRCVDLFAPGEDIIGASSDCSTCFVSQSGTSQAAAHVAGIAAMMLSAEPELTLAELRQRLIHFSAKDVINEAWFP
EDQRVLTPNLVAALPPSTHGAGWQLFCRTVWSAHSGPTRMATAIARCAPDEELLSCSSFSRSGKRRGERMEAQGGKLVCR
AHNAFGGEGVYAIARCCLLPQANCSVHTAPPAEASMGTRVHCHQQGHVLTGCSSHWEVEDLGTHKPPVLRPRGQPNQCVG
HREASIHASCCHAPGLECKVKEHGIPAPQEQVTVACEEGWTLTGCSALPGTSHVLGAYAVDNTCVVRSRDVSTTGSTSEE
AVTAVAICCRSRHLAQASQELQKGNSADIQHSGGRSSLEGPRFEGKPIPNPLLGLDSTRTGHHHHHH
;
_entity_poly.pdbx_strand_id   A,B
#
# COMPACT_ATOMS: atom_id res chain seq x y z
N THR A 31 29.03 5.68 -2.76
CA THR A 31 27.64 5.49 -3.22
C THR A 31 26.72 4.90 -2.12
N ALA A 32 27.28 4.16 -1.13
CA ALA A 32 26.52 3.54 -0.02
C ALA A 32 26.05 4.66 0.94
N THR A 33 24.80 4.55 1.43
CA THR A 33 24.21 5.56 2.31
C THR A 33 23.81 5.00 3.68
N PHE A 34 23.68 5.89 4.65
CA PHE A 34 23.30 5.53 6.00
C PHE A 34 21.91 6.11 6.32
N HIS A 35 21.11 5.34 7.06
CA HIS A 35 19.76 5.71 7.43
C HIS A 35 19.46 5.36 8.89
N ARG A 36 18.76 6.29 9.58
CA ARG A 36 18.31 6.01 10.94
C ARG A 36 16.85 6.45 11.00
N CYS A 37 16.10 5.89 11.94
CA CYS A 37 14.68 6.20 12.12
C CYS A 37 14.49 7.71 12.41
N ALA A 38 13.50 8.35 11.76
CA ALA A 38 13.18 9.77 11.95
C ALA A 38 12.58 10.04 13.36
N LYS A 39 12.00 9.01 14.02
N LYS A 39 12.02 8.99 14.02
CA LYS A 39 11.41 9.15 15.36
CA LYS A 39 11.45 9.13 15.36
C LYS A 39 12.50 8.80 16.39
C LYS A 39 12.55 8.79 16.37
N ASP A 40 13.17 9.84 16.91
CA ASP A 40 14.29 9.72 17.88
C ASP A 40 14.06 8.75 19.05
N PRO A 41 12.91 8.73 19.79
CA PRO A 41 12.78 7.74 20.88
C PRO A 41 12.75 6.28 20.39
N TRP A 42 12.50 6.04 19.09
CA TRP A 42 12.41 4.65 18.54
C TRP A 42 13.72 4.08 18.04
N ARG A 43 14.76 4.92 17.95
CA ARG A 43 16.07 4.53 17.46
C ARG A 43 16.77 3.57 18.40
N LEU A 44 17.57 2.65 17.84
CA LEU A 44 18.35 1.70 18.63
C LEU A 44 19.85 1.81 18.22
N PRO A 45 20.54 2.94 18.58
CA PRO A 45 21.96 3.08 18.19
C PRO A 45 22.79 1.91 18.70
N GLY A 46 23.87 1.57 18.00
CA GLY A 46 24.69 0.45 18.45
C GLY A 46 24.40 -0.84 17.69
N THR A 47 23.23 -0.92 17.00
CA THR A 47 22.85 -2.09 16.18
C THR A 47 22.48 -1.60 14.79
N TYR A 48 23.09 -2.21 13.75
CA TYR A 48 22.93 -1.82 12.34
C TYR A 48 22.68 -2.99 11.42
N VAL A 49 21.81 -2.76 10.46
CA VAL A 49 21.51 -3.72 9.41
C VAL A 49 22.33 -3.27 8.22
N VAL A 50 23.30 -4.09 7.81
CA VAL A 50 24.13 -3.80 6.65
C VAL A 50 23.48 -4.53 5.50
N VAL A 51 22.99 -3.77 4.52
CA VAL A 51 22.30 -4.27 3.33
C VAL A 51 23.25 -4.23 2.15
N LEU A 52 23.46 -5.39 1.55
CA LEU A 52 24.35 -5.54 0.41
C LEU A 52 23.60 -5.47 -0.91
N LYS A 53 24.32 -5.22 -2.02
CA LYS A 53 23.75 -5.12 -3.38
C LYS A 53 22.97 -6.39 -3.75
N GLU A 54 21.90 -6.21 -4.50
CA GLU A 54 20.94 -7.23 -4.92
C GLU A 54 21.47 -8.66 -5.14
N GLU A 55 22.47 -8.84 -5.99
CA GLU A 55 22.96 -10.19 -6.31
C GLU A 55 24.11 -10.72 -5.45
N THR A 56 24.34 -10.12 -4.26
CA THR A 56 25.39 -10.58 -3.35
C THR A 56 25.04 -11.96 -2.85
N HIS A 57 25.99 -12.89 -3.00
CA HIS A 57 25.79 -14.28 -2.56
C HIS A 57 26.03 -14.33 -1.05
N LEU A 58 25.43 -15.34 -0.37
CA LEU A 58 25.60 -15.54 1.08
C LEU A 58 27.08 -15.64 1.46
N SER A 59 27.90 -16.29 0.60
CA SER A 59 29.35 -16.45 0.88
C SER A 59 30.02 -15.07 0.96
N GLN A 60 29.61 -14.16 0.09
CA GLN A 60 30.14 -12.78 0.04
C GLN A 60 29.68 -12.00 1.26
N SER A 61 28.40 -12.14 1.69
CA SER A 61 27.86 -11.48 2.88
C SER A 61 28.64 -11.89 4.12
N GLU A 62 28.97 -13.20 4.23
CA GLU A 62 29.72 -13.69 5.38
C GLU A 62 31.15 -13.14 5.36
N ARG A 63 31.78 -13.09 4.17
CA ARG A 63 33.14 -12.57 3.98
C ARG A 63 33.18 -11.05 4.32
N THR A 64 32.15 -10.29 3.90
CA THR A 64 32.02 -8.86 4.19
C THR A 64 31.84 -8.67 5.71
N ALA A 65 31.03 -9.53 6.38
CA ALA A 65 30.85 -9.40 7.84
C ALA A 65 32.18 -9.68 8.57
N ARG A 66 32.92 -10.71 8.11
CA ARG A 66 34.22 -11.06 8.72
C ARG A 66 35.24 -9.93 8.45
N ARG A 67 35.27 -9.35 7.23
CA ARG A 67 36.16 -8.25 6.87
C ARG A 67 35.89 -7.02 7.80
N LEU A 68 34.61 -6.71 8.08
CA LEU A 68 34.24 -5.62 8.99
C LEU A 68 34.81 -5.90 10.36
N GLN A 69 34.60 -7.11 10.88
CA GLN A 69 35.06 -7.53 12.21
C GLN A 69 36.57 -7.39 12.40
N ALA A 70 37.35 -7.79 11.37
CA ALA A 70 38.82 -7.73 11.35
C ALA A 70 39.31 -6.28 11.27
N GLN A 71 38.67 -5.46 10.41
CA GLN A 71 39.02 -4.04 10.25
C GLN A 71 38.73 -3.28 11.55
N ALA A 72 37.58 -3.61 12.20
CA ALA A 72 37.18 -3.02 13.47
C ALA A 72 38.18 -3.38 14.59
N ALA A 73 38.57 -4.69 14.69
CA ALA A 73 39.51 -5.21 15.69
C ALA A 73 40.87 -4.52 15.61
N ARG A 74 41.38 -4.29 14.37
CA ARG A 74 42.65 -3.59 14.10
C ARG A 74 42.63 -2.14 14.60
N ARG A 75 41.41 -1.60 14.87
CA ARG A 75 41.20 -0.24 15.33
C ARG A 75 40.79 -0.22 16.78
N GLY A 76 40.78 -1.39 17.40
CA GLY A 76 40.44 -1.55 18.81
C GLY A 76 38.98 -1.67 19.15
N TYR A 77 38.13 -1.98 18.16
CA TYR A 77 36.68 -2.11 18.39
C TYR A 77 36.21 -3.55 18.42
N LEU A 78 35.39 -3.87 19.41
CA LEU A 78 34.78 -5.19 19.54
C LEU A 78 33.48 -5.10 18.73
N THR A 79 33.14 -6.15 17.98
CA THR A 79 31.91 -6.21 17.20
C THR A 79 31.28 -7.58 17.39
N LYS A 80 29.96 -7.67 17.14
CA LYS A 80 29.24 -8.93 17.21
C LYS A 80 28.32 -9.04 15.99
N ILE A 81 28.49 -10.10 15.21
CA ILE A 81 27.65 -10.38 14.04
C ILE A 81 26.52 -11.21 14.61
N LEU A 82 25.34 -10.59 14.76
CA LEU A 82 24.16 -11.24 15.34
C LEU A 82 23.41 -12.16 14.40
N HIS A 83 23.45 -11.88 13.11
CA HIS A 83 22.68 -12.63 12.12
C HIS A 83 23.17 -12.29 10.75
N VAL A 84 23.19 -13.27 9.87
CA VAL A 84 23.58 -13.06 8.48
C VAL A 84 22.28 -13.32 7.70
N PHE A 85 21.82 -12.33 6.92
CA PHE A 85 20.61 -12.41 6.11
C PHE A 85 20.82 -13.04 4.76
N HIS A 86 19.82 -13.84 4.33
CA HIS A 86 19.74 -14.49 3.01
C HIS A 86 18.36 -15.09 2.81
N GLY A 87 17.87 -15.03 1.58
CA GLY A 87 16.51 -15.52 1.30
C GLY A 87 15.62 -14.40 0.82
N LEU A 88 15.77 -13.18 1.42
CA LEU A 88 14.98 -12.02 0.99
C LEU A 88 15.96 -10.98 0.47
N LEU A 89 16.81 -10.47 1.38
N LEU A 89 16.83 -10.50 1.36
CA LEU A 89 17.83 -9.47 1.12
CA LEU A 89 17.86 -9.53 1.00
C LEU A 89 19.20 -9.98 1.59
C LEU A 89 19.19 -10.00 1.56
N PRO A 90 20.31 -9.72 0.87
CA PRO A 90 21.61 -10.13 1.39
C PRO A 90 22.16 -9.05 2.37
N GLY A 91 22.86 -9.51 3.39
CA GLY A 91 23.46 -8.64 4.38
C GLY A 91 23.58 -9.26 5.73
N PHE A 92 23.76 -8.41 6.76
CA PHE A 92 23.91 -8.92 8.13
C PHE A 92 23.52 -7.87 9.17
N LEU A 93 23.35 -8.34 10.40
CA LEU A 93 23.02 -7.56 11.56
C LEU A 93 24.26 -7.55 12.44
N VAL A 94 24.73 -6.35 12.78
CA VAL A 94 25.95 -6.16 13.57
C VAL A 94 25.73 -5.23 14.77
N LYS A 95 26.28 -5.65 15.93
CA LYS A 95 26.29 -4.88 17.16
C LYS A 95 27.70 -4.27 17.19
N MET A 96 27.78 -2.94 17.10
CA MET A 96 29.04 -2.21 17.05
C MET A 96 28.85 -0.72 17.32
N SER A 97 29.95 -0.04 17.67
CA SER A 97 29.94 1.40 17.90
C SER A 97 29.64 2.07 16.54
N GLY A 98 28.87 3.14 16.55
CA GLY A 98 28.55 3.89 15.34
C GLY A 98 29.77 4.54 14.72
N ASP A 99 30.91 4.62 15.48
CA ASP A 99 32.17 5.20 14.99
C ASP A 99 32.65 4.49 13.74
N LEU A 100 32.28 3.19 13.59
CA LEU A 100 32.69 2.32 12.47
C LEU A 100 31.86 2.46 11.20
N LEU A 101 30.83 3.34 11.22
CA LEU A 101 29.94 3.49 10.08
C LEU A 101 30.63 3.94 8.81
N GLU A 102 31.53 4.97 8.85
CA GLU A 102 32.23 5.43 7.63
C GLU A 102 33.05 4.26 7.04
N LEU A 103 33.69 3.47 7.91
CA LEU A 103 34.46 2.29 7.50
C LEU A 103 33.52 1.24 6.85
N ALA A 104 32.42 0.88 7.57
CA ALA A 104 31.43 -0.08 7.07
C ALA A 104 30.81 0.35 5.73
N LEU A 105 30.61 1.67 5.52
CA LEU A 105 30.04 2.15 4.24
C LEU A 105 31.01 1.97 3.07
N LYS A 106 32.30 1.75 3.37
CA LYS A 106 33.33 1.55 2.34
C LYS A 106 33.53 0.07 1.99
N LEU A 107 32.96 -0.87 2.79
CA LEU A 107 33.06 -2.32 2.53
C LEU A 107 32.53 -2.71 1.16
N PRO A 108 33.10 -3.75 0.50
CA PRO A 108 32.58 -4.11 -0.82
C PRO A 108 31.15 -4.64 -0.73
N HIS A 109 30.38 -4.49 -1.82
CA HIS A 109 28.99 -4.94 -1.97
C HIS A 109 27.95 -4.17 -1.15
N VAL A 110 28.36 -3.24 -0.27
CA VAL A 110 27.40 -2.49 0.56
C VAL A 110 26.51 -1.59 -0.28
N ASP A 111 25.19 -1.75 -0.11
CA ASP A 111 24.18 -0.93 -0.78
C ASP A 111 23.83 0.21 0.21
N TYR A 112 23.45 -0.12 1.45
CA TYR A 112 23.16 0.88 2.48
C TYR A 112 23.19 0.28 3.83
N ILE A 113 23.23 1.14 4.86
CA ILE A 113 23.25 0.72 6.24
C ILE A 113 22.13 1.41 6.99
N GLU A 114 21.38 0.64 7.76
CA GLU A 114 20.30 1.18 8.55
C GLU A 114 20.47 0.88 10.04
N GLU A 115 20.38 1.91 10.86
CA GLU A 115 20.43 1.74 12.30
C GLU A 115 19.11 1.04 12.70
N ASP A 116 19.19 0.10 13.63
CA ASP A 116 17.99 -0.62 14.08
C ASP A 116 17.01 0.31 14.77
N SER A 117 15.73 -0.05 14.75
CA SER A 117 14.72 0.78 15.40
C SER A 117 13.57 -0.09 15.90
N SER A 118 12.75 0.45 16.80
CA SER A 118 11.63 -0.24 17.44
C SER A 118 10.38 -0.28 16.57
N VAL A 119 9.61 -1.37 16.71
CA VAL A 119 8.30 -1.56 16.08
C VAL A 119 7.37 -1.85 17.24
N PHE A 120 6.07 -1.57 17.08
CA PHE A 120 5.07 -1.73 18.14
C PHE A 120 3.77 -2.34 17.66
N ALA A 121 3.14 -3.13 18.55
CA ALA A 121 1.82 -3.74 18.34
C ALA A 121 0.84 -2.58 18.07
N GLN A 122 -0.01 -2.71 17.05
CA GLN A 122 -1.00 -1.69 16.68
C GLN A 122 -2.40 -2.10 17.11
N SER B 123 -26.46 -11.41 18.34
CA SER B 123 -25.95 -12.76 18.11
C SER B 123 -24.70 -12.79 17.19
N ILE B 124 -24.53 -11.76 16.34
CA ILE B 124 -23.38 -11.68 15.45
C ILE B 124 -22.56 -10.43 15.82
N PRO B 125 -21.23 -10.54 16.06
CA PRO B 125 -20.44 -9.32 16.34
C PRO B 125 -20.66 -8.33 15.19
N TRP B 126 -20.83 -7.03 15.51
CA TRP B 126 -21.11 -6.00 14.50
C TRP B 126 -20.13 -6.05 13.30
N ASN B 127 -18.84 -6.27 13.58
CA ASN B 127 -17.75 -6.30 12.60
C ASN B 127 -17.89 -7.41 11.59
N LEU B 128 -18.41 -8.58 12.04
CA LEU B 128 -18.63 -9.69 11.10
C LEU B 128 -19.84 -9.39 10.20
N GLU B 129 -20.86 -8.68 10.74
CA GLU B 129 -22.00 -8.27 9.92
C GLU B 129 -21.55 -7.19 8.90
N ARG B 130 -20.73 -6.23 9.37
CA ARG B 130 -20.22 -5.12 8.55
C ARG B 130 -19.53 -5.59 7.25
N ILE B 131 -18.70 -6.65 7.34
CA ILE B 131 -17.95 -7.22 6.20
C ILE B 131 -18.84 -8.21 5.36
N THR B 132 -20.08 -8.45 5.79
CA THR B 132 -20.98 -9.35 5.03
C THR B 132 -21.62 -8.50 3.91
N PRO B 133 -21.49 -8.88 2.62
CA PRO B 133 -22.04 -8.04 1.54
C PRO B 133 -23.57 -8.06 1.41
N PRO B 134 -24.20 -7.21 0.54
CA PRO B 134 -25.68 -7.20 0.44
C PRO B 134 -26.34 -8.45 -0.14
N ARG B 135 -25.56 -9.34 -0.74
CA ARG B 135 -26.02 -10.60 -1.31
C ARG B 135 -24.91 -11.60 -1.04
N TYR B 136 -25.23 -12.70 -0.35
CA TYR B 136 -24.24 -13.71 -0.01
C TYR B 136 -24.83 -15.09 0.14
N ARG B 137 -23.95 -16.10 0.12
CA ARG B 137 -24.25 -17.52 0.21
C ARG B 137 -23.55 -18.11 1.43
N LEU B 149 -6.88 -24.11 1.81
CA LEU B 149 -5.64 -24.26 1.05
C LEU B 149 -4.67 -23.08 1.27
N VAL B 150 -5.14 -22.00 1.92
CA VAL B 150 -4.33 -20.81 2.20
C VAL B 150 -3.93 -20.84 3.66
N GLU B 151 -2.71 -20.40 3.96
CA GLU B 151 -2.21 -20.29 5.33
C GLU B 151 -1.99 -18.82 5.64
N VAL B 152 -2.25 -18.44 6.88
CA VAL B 152 -2.06 -17.06 7.34
C VAL B 152 -0.92 -17.06 8.36
N TYR B 153 0.17 -16.34 8.08
CA TYR B 153 1.27 -16.25 9.04
C TYR B 153 1.02 -14.99 9.91
N LEU B 154 1.20 -15.09 11.21
CA LEU B 154 1.03 -13.95 12.11
C LEU B 154 2.39 -13.62 12.77
N LEU B 155 2.89 -12.37 12.63
CA LEU B 155 4.16 -11.93 13.27
C LEU B 155 3.68 -10.98 14.34
N ASP B 156 3.66 -11.45 15.58
CA ASP B 156 3.14 -10.63 16.68
C ASP B 156 3.72 -11.06 18.04
N THR B 157 2.94 -10.94 19.11
CA THR B 157 3.36 -11.37 20.46
C THR B 157 3.25 -12.89 20.50
N SER B 158 3.49 -13.51 21.67
CA SER B 158 3.30 -14.96 21.82
C SER B 158 1.78 -15.13 21.85
N ILE B 159 1.28 -16.32 21.58
CA ILE B 159 -0.16 -16.50 21.56
C ILE B 159 -0.55 -17.69 22.47
N GLN B 160 -1.84 -17.79 22.85
CA GLN B 160 -2.32 -18.91 23.68
C GLN B 160 -2.93 -19.88 22.67
N SER B 161 -2.09 -20.78 22.15
CA SER B 161 -2.49 -21.74 21.10
C SER B 161 -3.59 -22.74 21.50
N ASP B 162 -3.78 -22.94 22.80
CA ASP B 162 -4.80 -23.83 23.37
C ASP B 162 -6.20 -23.17 23.42
N HIS B 163 -6.30 -21.82 23.20
CA HIS B 163 -7.62 -21.16 23.24
C HIS B 163 -8.61 -21.90 22.35
N ARG B 164 -9.85 -22.15 22.85
CA ARG B 164 -10.87 -22.89 22.08
C ARG B 164 -11.19 -22.27 20.71
N GLU B 165 -11.01 -20.95 20.56
CA GLU B 165 -11.25 -20.30 19.25
C GLU B 165 -10.32 -20.80 18.17
N ILE B 166 -9.07 -21.13 18.54
CA ILE B 166 -8.05 -21.49 17.57
C ILE B 166 -7.33 -22.83 17.78
N GLU B 167 -7.60 -23.54 18.89
CA GLU B 167 -6.96 -24.83 19.22
C GLU B 167 -7.01 -25.78 18.04
N GLY B 168 -5.84 -26.36 17.71
CA GLY B 168 -5.67 -27.30 16.61
C GLY B 168 -5.50 -26.71 15.22
N ARG B 169 -5.70 -25.38 15.05
CA ARG B 169 -5.57 -24.73 13.74
C ARG B 169 -4.43 -23.70 13.69
N VAL B 170 -3.76 -23.45 14.82
CA VAL B 170 -2.65 -22.51 14.91
C VAL B 170 -1.36 -23.23 15.27
N MET B 171 -0.35 -23.12 14.41
CA MET B 171 0.93 -23.73 14.68
C MET B 171 1.90 -22.65 15.21
N VAL B 172 2.32 -22.78 16.47
CA VAL B 172 3.25 -21.83 17.07
C VAL B 172 4.66 -22.32 16.69
N THR B 173 5.36 -21.52 15.89
CA THR B 173 6.70 -21.91 15.45
C THR B 173 7.63 -21.61 16.60
N ASP B 174 7.24 -20.58 17.36
CA ASP B 174 7.88 -19.93 18.49
C ASP B 174 9.29 -19.57 18.14
N PHE B 175 9.38 -18.96 16.96
CA PHE B 175 10.59 -18.38 16.44
C PHE B 175 10.62 -17.16 17.38
N GLU B 176 11.73 -16.93 18.06
CA GLU B 176 11.74 -15.81 18.97
C GLU B 176 12.86 -14.82 18.70
N ASN B 177 12.47 -13.55 18.50
CA ASN B 177 13.37 -12.43 18.29
C ASN B 177 12.70 -11.16 18.83
N VAL B 178 12.75 -11.02 20.17
CA VAL B 178 12.14 -9.92 20.91
C VAL B 178 13.12 -9.13 21.81
N PRO B 179 12.97 -7.78 21.94
CA PRO B 179 13.87 -7.03 22.83
C PRO B 179 13.47 -7.24 24.31
N GLU B 180 14.43 -7.07 25.24
CA GLU B 180 14.20 -7.24 26.68
C GLU B 180 13.10 -6.31 27.21
N GLU B 181 12.24 -6.83 28.10
CA GLU B 181 11.13 -6.09 28.68
C GLU B 181 11.66 -5.10 29.73
N ASP B 182 11.18 -3.84 29.68
CA ASP B 182 11.57 -2.78 30.61
C ASP B 182 10.51 -2.56 31.68
N ALA B 190 1.57 -14.53 31.80
CA ALA B 190 1.48 -15.01 30.42
C ALA B 190 0.22 -14.50 29.70
N SER B 191 -0.90 -14.32 30.43
CA SER B 191 -2.16 -13.80 29.89
C SER B 191 -2.00 -12.36 29.38
N LYS B 192 -1.08 -11.58 29.98
CA LYS B 192 -0.80 -10.22 29.56
C LYS B 192 0.11 -10.29 28.31
N CYS B 193 1.18 -11.12 28.36
CA CYS B 193 2.14 -11.33 27.28
C CYS B 193 1.50 -11.73 25.95
N ASP B 194 0.56 -12.71 25.97
CA ASP B 194 -0.09 -13.23 24.77
C ASP B 194 -1.39 -12.54 24.40
N SER B 195 -1.75 -11.43 25.05
CA SER B 195 -3.04 -10.77 24.80
C SER B 195 -3.28 -10.30 23.34
N HIS B 196 -2.30 -9.61 22.75
CA HIS B 196 -2.42 -9.04 21.41
C HIS B 196 -2.54 -10.10 20.34
N GLY B 197 -1.55 -10.96 20.24
CA GLY B 197 -1.51 -12.04 19.27
C GLY B 197 -2.66 -13.01 19.35
N THR B 198 -3.10 -13.38 20.59
CA THR B 198 -4.22 -14.30 20.75
C THR B 198 -5.50 -13.66 20.22
N HIS B 199 -5.73 -12.38 20.53
CA HIS B 199 -6.94 -11.71 20.02
C HIS B 199 -6.90 -11.69 18.45
N LEU B 200 -5.74 -11.34 17.86
CA LEU B 200 -5.62 -11.28 16.39
C LEU B 200 -5.78 -12.64 15.71
N ALA B 201 -5.21 -13.74 16.27
CA ALA B 201 -5.39 -15.09 15.67
C ALA B 201 -6.89 -15.44 15.68
N GLY B 202 -7.60 -15.01 16.73
CA GLY B 202 -9.05 -15.19 16.86
C GLY B 202 -9.83 -14.38 15.84
N VAL B 203 -9.43 -13.09 15.62
CA VAL B 203 -10.10 -12.25 14.60
C VAL B 203 -9.98 -12.92 13.21
N VAL B 204 -8.78 -13.42 12.89
CA VAL B 204 -8.56 -14.07 11.61
C VAL B 204 -9.34 -15.38 11.45
N SER B 205 -9.14 -16.31 12.38
CA SER B 205 -9.64 -17.66 12.25
C SER B 205 -10.49 -18.28 13.38
N GLY B 206 -10.87 -17.51 14.39
CA GLY B 206 -11.65 -18.01 15.52
C GLY B 206 -12.90 -18.78 15.09
N ARG B 207 -13.15 -19.94 15.72
CA ARG B 207 -14.32 -20.79 15.41
C ARG B 207 -15.62 -20.03 15.50
N ASP B 208 -15.80 -19.19 16.54
CA ASP B 208 -17.04 -18.44 16.72
C ASP B 208 -16.99 -16.97 16.30
N ALA B 209 -15.88 -16.24 16.58
CA ALA B 209 -15.83 -14.81 16.22
C ALA B 209 -14.81 -14.43 15.14
N GLY B 210 -14.36 -15.42 14.38
CA GLY B 210 -13.38 -15.20 13.31
C GLY B 210 -13.96 -14.88 11.96
N VAL B 211 -13.14 -14.21 11.12
CA VAL B 211 -13.52 -13.82 9.75
C VAL B 211 -13.43 -15.07 8.85
N ALA B 212 -12.30 -15.78 8.87
CA ALA B 212 -12.06 -16.98 8.06
C ALA B 212 -12.02 -18.15 9.05
N LYS B 213 -13.20 -18.54 9.55
CA LYS B 213 -13.39 -19.60 10.56
C LYS B 213 -12.66 -20.87 10.20
N GLY B 214 -11.85 -21.35 11.14
CA GLY B 214 -11.07 -22.56 10.95
C GLY B 214 -9.85 -22.47 10.04
N ALA B 215 -9.50 -21.25 9.50
CA ALA B 215 -8.32 -21.05 8.63
C ALA B 215 -7.04 -21.51 9.35
N SER B 216 -6.08 -22.07 8.62
CA SER B 216 -4.81 -22.53 9.21
C SER B 216 -3.90 -21.35 9.43
N MET B 217 -3.31 -21.31 10.60
CA MET B 217 -2.40 -20.22 10.94
C MET B 217 -1.08 -20.73 11.48
N ARG B 218 -0.04 -19.92 11.32
CA ARG B 218 1.29 -20.15 11.85
C ARG B 218 1.70 -18.85 12.55
N SER B 219 2.23 -18.93 13.76
CA SER B 219 2.63 -17.69 14.43
C SER B 219 4.10 -17.64 14.73
N LEU B 220 4.68 -16.46 14.60
CA LEU B 220 6.09 -16.20 14.89
C LEU B 220 6.08 -15.07 15.89
N ARG B 221 6.85 -15.19 16.98
CA ARG B 221 6.91 -14.14 17.98
C ARG B 221 7.99 -13.10 17.66
N VAL B 222 7.59 -11.83 17.40
CA VAL B 222 8.55 -10.76 17.11
C VAL B 222 8.32 -9.61 18.06
N LEU B 223 7.26 -9.70 18.89
CA LEU B 223 6.91 -8.66 19.85
C LEU B 223 6.96 -9.21 21.25
N ASN B 224 7.56 -8.43 22.18
CA ASN B 224 7.73 -8.82 23.58
C ASN B 224 6.41 -8.67 24.39
N CYS B 225 6.47 -8.88 25.74
CA CYS B 225 5.30 -8.81 26.61
C CYS B 225 4.60 -7.46 26.59
N GLN B 226 5.33 -6.38 26.29
CA GLN B 226 4.78 -5.03 26.19
C GLN B 226 4.42 -4.64 24.72
N GLY B 227 4.44 -5.62 23.80
CA GLY B 227 4.10 -5.41 22.39
C GLY B 227 5.17 -4.65 21.60
N LYS B 228 6.43 -4.78 22.03
CA LYS B 228 7.55 -4.09 21.42
C LYS B 228 8.53 -5.07 20.75
N GLY B 229 8.93 -4.72 19.53
CA GLY B 229 9.86 -5.48 18.71
C GLY B 229 10.89 -4.57 18.07
N THR B 230 11.67 -5.12 17.12
CA THR B 230 12.67 -4.34 16.40
C THR B 230 12.48 -4.57 14.92
N VAL B 231 13.01 -3.66 14.09
CA VAL B 231 12.99 -3.82 12.64
C VAL B 231 13.79 -5.11 12.30
N SER B 232 14.99 -5.26 12.93
CA SER B 232 15.85 -6.44 12.70
C SER B 232 15.16 -7.76 13.04
N GLY B 233 14.44 -7.79 14.17
CA GLY B 233 13.69 -8.97 14.59
C GLY B 233 12.58 -9.25 13.58
N THR B 234 11.94 -8.17 13.07
CA THR B 234 10.86 -8.33 12.06
C THR B 234 11.42 -8.89 10.76
N LEU B 235 12.62 -8.41 10.33
CA LEU B 235 13.31 -8.88 9.12
C LEU B 235 13.63 -10.37 9.26
N ILE B 236 14.11 -10.79 10.43
CA ILE B 236 14.47 -12.18 10.69
C ILE B 236 13.18 -13.05 10.57
N GLY B 237 12.09 -12.54 11.12
CA GLY B 237 10.78 -13.19 11.06
C GLY B 237 10.33 -13.36 9.63
N LEU B 238 10.40 -12.28 8.83
CA LEU B 238 10.00 -12.34 7.41
C LEU B 238 10.88 -13.32 6.64
N GLU B 239 12.20 -13.30 6.91
CA GLU B 239 13.14 -14.20 6.24
C GLU B 239 12.82 -15.66 6.59
N PHE B 240 12.44 -15.94 7.87
CA PHE B 240 12.09 -17.29 8.35
C PHE B 240 10.88 -17.79 7.57
N ILE B 241 9.92 -16.91 7.26
CA ILE B 241 8.74 -17.30 6.47
C ILE B 241 9.21 -17.72 5.08
N ARG B 242 10.09 -16.92 4.46
CA ARG B 242 10.58 -17.28 3.13
C ARG B 242 11.34 -18.63 3.14
N LYS B 243 12.22 -18.84 4.13
CA LYS B 243 12.99 -20.08 4.27
C LYS B 243 12.05 -21.28 4.45
N SER B 244 11.00 -21.13 5.31
CA SER B 244 10.01 -22.20 5.56
C SER B 244 9.32 -22.59 4.27
N GLN B 245 8.95 -21.60 3.46
CA GLN B 245 8.29 -21.82 2.17
C GLN B 245 9.20 -22.60 1.18
N LEU B 246 10.50 -22.25 1.14
CA LEU B 246 11.46 -22.88 0.23
C LEU B 246 11.66 -24.37 0.56
N VAL B 247 11.67 -24.69 1.83
CA VAL B 247 11.88 -26.02 2.42
C VAL B 247 10.63 -26.87 2.28
N GLN B 248 9.44 -26.31 2.57
CA GLN B 248 8.18 -27.05 2.48
C GLN B 248 7.14 -26.19 1.77
N PRO B 249 7.16 -26.14 0.42
CA PRO B 249 6.20 -25.29 -0.29
C PRO B 249 4.76 -25.74 -0.11
N VAL B 250 3.86 -24.77 0.06
CA VAL B 250 2.42 -25.03 0.23
C VAL B 250 1.69 -24.20 -0.81
N GLY B 251 0.48 -23.75 -0.53
CA GLY B 251 -0.25 -22.94 -1.48
C GLY B 251 -0.04 -21.45 -1.24
N PRO B 252 -1.06 -20.63 -1.57
CA PRO B 252 -0.94 -19.17 -1.34
C PRO B 252 -0.69 -18.85 0.14
N LEU B 253 0.04 -17.76 0.43
CA LEU B 253 0.34 -17.38 1.81
C LEU B 253 -0.01 -15.94 2.03
N VAL B 254 -0.66 -15.68 3.19
CA VAL B 254 -1.03 -14.33 3.63
C VAL B 254 -0.21 -14.11 4.88
N VAL B 255 0.48 -12.98 4.97
CA VAL B 255 1.29 -12.64 6.12
C VAL B 255 0.66 -11.42 6.74
N LEU B 256 0.27 -11.53 8.01
CA LEU B 256 -0.33 -10.44 8.74
C LEU B 256 0.75 -9.83 9.62
N LEU B 257 0.99 -8.53 9.45
CA LEU B 257 1.97 -7.71 10.19
C LEU B 257 1.19 -6.64 10.93
N PRO B 258 0.73 -6.96 12.15
CA PRO B 258 -0.09 -6.01 12.93
C PRO B 258 0.77 -5.15 13.83
N LEU B 259 1.78 -4.55 13.22
CA LEU B 259 2.76 -3.72 13.91
C LEU B 259 3.20 -2.56 13.03
N ALA B 260 3.89 -1.59 13.62
CA ALA B 260 4.42 -0.43 12.93
C ALA B 260 5.56 0.19 13.71
N GLY B 261 6.48 0.77 12.95
CA GLY B 261 7.61 1.55 13.44
C GLY B 261 7.69 2.74 12.50
N GLY B 262 8.74 3.56 12.61
CA GLY B 262 8.89 4.68 11.67
C GLY B 262 9.26 4.17 10.29
N TYR B 263 9.13 4.99 9.24
CA TYR B 263 9.52 4.58 7.89
C TYR B 263 10.92 3.90 7.93
N SER B 264 11.01 2.73 7.29
CA SER B 264 12.26 1.95 7.27
C SER B 264 12.51 1.48 5.86
N ARG B 265 13.64 1.90 5.30
CA ARG B 265 14.02 1.49 3.96
C ARG B 265 14.19 -0.06 3.90
N VAL B 266 14.91 -0.63 4.87
CA VAL B 266 15.16 -2.06 4.88
C VAL B 266 13.87 -2.87 5.11
N LEU B 267 12.99 -2.44 6.03
CA LEU B 267 11.76 -3.20 6.26
C LEU B 267 10.88 -3.15 4.99
N ASN B 268 10.81 -1.99 4.33
CA ASN B 268 10.02 -1.88 3.07
C ASN B 268 10.64 -2.74 1.97
N ALA B 269 11.99 -2.80 1.88
CA ALA B 269 12.66 -3.61 0.84
C ALA B 269 12.38 -5.11 1.08
N ALA B 270 12.39 -5.56 2.35
CA ALA B 270 12.10 -6.94 2.73
C ALA B 270 10.65 -7.31 2.36
N CYS B 271 9.69 -6.39 2.61
CA CYS B 271 8.29 -6.61 2.22
C CYS B 271 8.19 -6.74 0.71
N GLN B 272 8.97 -5.90 -0.02
CA GLN B 272 9.00 -5.93 -1.49
C GLN B 272 9.45 -7.29 -2.00
N ARG B 273 10.55 -7.82 -1.43
CA ARG B 273 11.15 -9.12 -1.77
C ARG B 273 10.22 -10.26 -1.49
N LEU B 274 9.53 -10.22 -0.35
CA LEU B 274 8.58 -11.26 0.02
C LEU B 274 7.35 -11.23 -0.90
N ALA B 275 6.87 -10.01 -1.30
CA ALA B 275 5.74 -9.93 -2.23
C ALA B 275 6.15 -10.44 -3.62
N ARG B 276 7.38 -10.08 -4.09
CA ARG B 276 7.91 -10.52 -5.40
C ARG B 276 8.06 -12.03 -5.43
N ALA B 277 8.20 -12.67 -4.26
CA ALA B 277 8.30 -14.12 -4.15
C ALA B 277 6.93 -14.77 -4.23
N GLY B 278 5.85 -13.97 -4.33
CA GLY B 278 4.47 -14.44 -4.42
C GLY B 278 3.67 -14.52 -3.13
N VAL B 279 4.04 -13.73 -2.10
CA VAL B 279 3.35 -13.77 -0.81
C VAL B 279 2.49 -12.48 -0.63
N VAL B 280 1.31 -12.60 -0.03
CA VAL B 280 0.44 -11.45 0.21
C VAL B 280 0.70 -10.92 1.63
N LEU B 281 1.07 -9.66 1.74
CA LEU B 281 1.33 -9.05 3.04
C LEU B 281 0.24 -8.06 3.37
N VAL B 282 -0.33 -8.19 4.58
CA VAL B 282 -1.41 -7.31 5.07
C VAL B 282 -0.86 -6.68 6.31
N THR B 283 -0.83 -5.34 6.36
CA THR B 283 -0.29 -4.59 7.49
C THR B 283 -1.30 -3.59 8.11
N ALA B 284 -1.08 -3.26 9.38
CA ALA B 284 -1.84 -2.25 10.13
C ALA B 284 -1.37 -0.89 9.60
N ALA B 285 -2.31 0.07 9.39
CA ALA B 285 -1.94 1.40 8.94
C ALA B 285 -1.18 2.17 10.04
N GLY B 286 -1.45 1.81 11.31
CA GLY B 286 -0.82 2.47 12.45
C GLY B 286 -1.86 3.26 13.22
N ASN B 287 -1.64 3.46 14.52
CA ASN B 287 -2.61 4.15 15.41
C ASN B 287 -2.19 5.52 15.85
N PHE B 288 -1.51 6.25 14.98
CA PHE B 288 -0.96 7.53 15.35
C PHE B 288 -1.66 8.75 14.80
N ARG B 289 -2.89 8.61 14.22
CA ARG B 289 -3.64 9.75 13.63
C ARG B 289 -2.69 10.52 12.70
N ASP B 290 -2.00 9.78 11.87
CA ASP B 290 -1.00 10.38 11.01
C ASP B 290 -1.00 9.75 9.65
N ASP B 291 -0.18 10.28 8.76
CA ASP B 291 -0.03 9.79 7.41
C ASP B 291 0.72 8.46 7.52
N ALA B 292 0.07 7.36 7.09
CA ALA B 292 0.66 6.01 7.10
C ALA B 292 1.95 5.91 6.25
N CYS B 293 2.17 6.85 5.28
CA CYS B 293 3.39 6.84 4.44
C CYS B 293 4.66 7.04 5.29
N LEU B 294 4.53 7.56 6.52
CA LEU B 294 5.66 7.83 7.43
C LEU B 294 5.99 6.65 8.34
N TYR B 295 5.32 5.49 8.15
CA TYR B 295 5.51 4.28 8.97
C TYR B 295 5.77 3.08 8.12
N SER B 296 6.42 2.06 8.70
CA SER B 296 6.72 0.82 7.99
C SER B 296 6.30 -0.32 8.90
N PRO B 297 5.85 -1.46 8.34
CA PRO B 297 5.68 -1.77 6.92
C PRO B 297 4.49 -1.09 6.21
N ALA B 298 3.67 -0.27 6.91
CA ALA B 298 2.52 0.42 6.30
C ALA B 298 2.80 1.13 4.94
N SER B 299 3.97 1.74 4.78
CA SER B 299 4.31 2.49 3.58
C SER B 299 4.91 1.65 2.44
N ALA B 300 5.16 0.34 2.64
CA ALA B 300 5.75 -0.48 1.56
C ALA B 300 4.73 -0.61 0.41
N PRO B 301 5.03 -0.13 -0.81
CA PRO B 301 4.02 -0.21 -1.90
C PRO B 301 3.41 -1.58 -2.17
N GLU B 302 4.17 -2.65 -1.95
CA GLU B 302 3.72 -4.02 -2.25
C GLU B 302 2.80 -4.66 -1.21
N VAL B 303 2.55 -4.02 -0.08
CA VAL B 303 1.69 -4.61 0.95
C VAL B 303 0.26 -4.04 0.80
N ILE B 304 -0.67 -4.60 1.56
CA ILE B 304 -2.04 -4.13 1.65
C ILE B 304 -2.07 -3.47 3.04
N THR B 305 -2.29 -2.16 3.11
CA THR B 305 -2.30 -1.39 4.36
C THR B 305 -3.73 -1.05 4.78
N VAL B 306 -4.06 -1.37 6.04
CA VAL B 306 -5.45 -1.24 6.49
C VAL B 306 -5.66 -0.29 7.65
N GLY B 307 -6.59 0.65 7.43
CA GLY B 307 -7.00 1.64 8.42
C GLY B 307 -8.15 1.09 9.26
N ALA B 308 -8.47 1.75 10.38
CA ALA B 308 -9.55 1.23 11.25
C ALA B 308 -10.78 2.11 11.28
N THR B 309 -12.00 1.51 11.11
CA THR B 309 -13.29 2.20 11.18
C THR B 309 -14.16 1.58 12.30
N ASN B 310 -15.15 2.34 12.79
CA ASN B 310 -16.02 1.84 13.87
C ASN B 310 -17.39 1.45 13.34
N ALA B 311 -18.33 1.09 14.24
CA ALA B 311 -19.69 0.67 13.92
C ALA B 311 -20.46 1.74 13.15
N GLN B 312 -20.06 3.01 13.30
CA GLN B 312 -20.70 4.11 12.58
C GLN B 312 -19.94 4.44 11.26
N ASP B 313 -18.98 3.57 10.84
CA ASP B 313 -18.12 3.73 9.64
C ASP B 313 -17.24 5.00 9.76
N GLN B 314 -16.97 5.42 10.98
CA GLN B 314 -16.12 6.55 11.23
C GLN B 314 -14.68 6.10 11.56
N PRO B 315 -13.66 6.91 11.21
CA PRO B 315 -12.27 6.52 11.53
C PRO B 315 -12.11 6.40 13.05
N VAL B 316 -11.44 5.33 13.53
CA VAL B 316 -11.28 5.07 14.97
C VAL B 316 -10.37 6.14 15.58
N THR B 317 -10.85 6.80 16.65
CA THR B 317 -10.09 7.87 17.32
C THR B 317 -10.35 7.72 18.80
N LEU B 318 -9.31 7.30 19.54
CA LEU B 318 -9.36 7.09 20.99
C LEU B 318 -8.25 7.90 21.69
N GLY B 319 -8.58 9.15 22.01
CA GLY B 319 -7.70 10.11 22.66
C GLY B 319 -6.69 10.73 21.73
N THR B 320 -5.40 10.54 22.03
CA THR B 320 -4.28 11.02 21.22
C THR B 320 -4.00 9.99 20.09
N LEU B 321 -4.62 8.82 20.20
CA LEU B 321 -4.49 7.73 19.24
C LEU B 321 -5.70 7.72 18.26
N GLY B 322 -5.49 7.06 17.14
CA GLY B 322 -6.51 6.97 16.12
C GLY B 322 -5.92 6.42 14.87
N THR B 323 -6.78 5.96 13.98
CA THR B 323 -6.27 5.35 12.77
C THR B 323 -5.42 6.32 11.96
N ASN B 324 -4.41 5.74 11.31
CA ASN B 324 -3.55 6.46 10.38
C ASN B 324 -4.39 6.59 9.10
N PHE B 325 -3.95 7.43 8.15
CA PHE B 325 -4.71 7.71 6.94
C PHE B 325 -3.73 8.09 5.81
N GLY B 326 -4.25 8.61 4.69
CA GLY B 326 -3.40 9.01 3.57
C GLY B 326 -3.37 8.03 2.41
N ARG B 327 -2.61 8.39 1.35
CA ARG B 327 -2.50 7.62 0.10
C ARG B 327 -1.86 6.24 0.20
N CYS B 328 -1.19 5.94 1.33
CA CYS B 328 -0.56 4.64 1.53
C CYS B 328 -1.54 3.62 2.12
N VAL B 329 -2.73 4.07 2.50
CA VAL B 329 -3.76 3.18 3.04
C VAL B 329 -4.53 2.62 1.85
N ASP B 330 -4.70 1.30 1.77
CA ASP B 330 -5.50 0.68 0.68
C ASP B 330 -6.99 0.80 0.98
N LEU B 331 -7.38 0.50 2.22
CA LEU B 331 -8.78 0.51 2.59
C LEU B 331 -8.92 0.47 4.09
N PHE B 332 -10.16 0.58 4.57
CA PHE B 332 -10.43 0.50 6.00
C PHE B 332 -11.19 -0.77 6.29
N ALA B 333 -11.23 -1.17 7.55
CA ALA B 333 -11.96 -2.35 7.98
C ALA B 333 -12.33 -2.19 9.45
N PRO B 334 -13.30 -2.96 9.97
CA PRO B 334 -13.68 -2.79 11.39
C PRO B 334 -12.48 -2.87 12.35
N GLY B 335 -12.27 -1.79 13.10
CA GLY B 335 -11.15 -1.71 14.03
C GLY B 335 -11.46 -1.17 15.42
N GLU B 336 -12.73 -1.14 15.82
CA GLU B 336 -13.13 -0.69 17.17
C GLU B 336 -14.10 -1.67 17.79
N ASP B 337 -13.94 -2.00 19.08
CA ASP B 337 -14.87 -2.88 19.79
C ASP B 337 -15.00 -4.24 19.05
N ILE B 338 -13.85 -4.87 18.80
CA ILE B 338 -13.79 -6.13 18.08
C ILE B 338 -13.67 -7.25 19.07
N ILE B 339 -14.71 -8.08 19.18
CA ILE B 339 -14.65 -9.21 20.10
C ILE B 339 -13.77 -10.33 19.52
N GLY B 340 -12.95 -10.91 20.38
CA GLY B 340 -12.06 -11.99 20.00
C GLY B 340 -11.51 -12.69 21.22
N ALA B 341 -10.80 -13.78 20.97
CA ALA B 341 -10.17 -14.63 21.99
C ALA B 341 -9.32 -13.84 22.96
N SER B 342 -9.58 -14.04 24.26
CA SER B 342 -8.85 -13.42 25.35
C SER B 342 -7.90 -14.51 25.92
N SER B 343 -6.61 -14.18 26.07
CA SER B 343 -5.66 -15.15 26.61
C SER B 343 -5.79 -15.31 28.15
N ASP B 344 -6.75 -14.62 28.79
CA ASP B 344 -6.96 -14.76 30.24
C ASP B 344 -7.41 -16.20 30.60
N CYS B 345 -8.18 -16.84 29.72
CA CYS B 345 -8.70 -18.21 29.86
C CYS B 345 -9.08 -18.76 28.48
N SER B 346 -9.01 -20.11 28.31
CA SER B 346 -9.27 -20.83 27.07
C SER B 346 -10.66 -20.59 26.39
N THR B 347 -11.66 -20.09 27.13
CA THR B 347 -12.98 -19.81 26.58
C THR B 347 -13.36 -18.32 26.74
N CYS B 348 -12.44 -17.50 27.28
CA CYS B 348 -12.68 -16.08 27.52
C CYS B 348 -12.63 -15.20 26.24
N PHE B 349 -13.35 -14.05 26.25
CA PHE B 349 -13.41 -13.10 25.14
C PHE B 349 -13.17 -11.68 25.62
N VAL B 350 -12.56 -10.88 24.75
CA VAL B 350 -12.26 -9.49 25.03
C VAL B 350 -12.44 -8.67 23.76
N SER B 351 -12.96 -7.48 23.95
CA SER B 351 -13.15 -6.55 22.85
C SER B 351 -11.91 -5.65 22.78
N GLN B 352 -11.31 -5.51 21.58
CA GLN B 352 -10.11 -4.69 21.41
C GLN B 352 -10.27 -3.80 20.19
N SER B 353 -9.50 -2.70 20.16
CA SER B 353 -9.50 -1.73 19.08
C SER B 353 -8.08 -1.50 18.52
N GLY B 354 -8.00 -1.13 17.23
CA GLY B 354 -6.74 -0.85 16.57
C GLY B 354 -6.72 -1.19 15.09
N THR B 355 -5.71 -0.69 14.38
CA THR B 355 -5.52 -1.00 12.94
C THR B 355 -5.03 -2.44 12.84
N SER B 356 -4.49 -3.02 13.95
CA SER B 356 -4.08 -4.44 13.99
C SER B 356 -5.37 -5.28 13.76
N GLN B 357 -6.45 -4.95 14.50
CA GLN B 357 -7.73 -5.67 14.37
C GLN B 357 -8.31 -5.46 12.97
N ALA B 358 -8.24 -4.23 12.45
CA ALA B 358 -8.71 -3.90 11.11
C ALA B 358 -7.96 -4.75 10.05
N ALA B 359 -6.60 -4.81 10.14
CA ALA B 359 -5.76 -5.58 9.24
C ALA B 359 -6.05 -7.08 9.32
N ALA B 360 -6.39 -7.61 10.53
CA ALA B 360 -6.75 -9.03 10.72
C ALA B 360 -8.04 -9.35 9.95
N HIS B 361 -8.99 -8.38 9.87
CA HIS B 361 -10.22 -8.62 9.07
C HIS B 361 -9.83 -8.81 7.56
N VAL B 362 -8.97 -7.94 7.05
CA VAL B 362 -8.54 -7.99 5.64
C VAL B 362 -7.71 -9.27 5.40
N ALA B 363 -6.90 -9.70 6.38
CA ALA B 363 -6.09 -10.94 6.21
C ALA B 363 -7.06 -12.14 6.09
N GLY B 364 -8.12 -12.15 6.90
CA GLY B 364 -9.16 -13.17 6.84
C GLY B 364 -9.89 -13.15 5.51
N ILE B 365 -10.26 -11.94 5.00
CA ILE B 365 -10.96 -11.78 3.70
C ILE B 365 -10.07 -12.24 2.54
N ALA B 366 -8.81 -11.81 2.54
CA ALA B 366 -7.79 -12.16 1.52
C ALA B 366 -7.57 -13.69 1.48
N ALA B 367 -7.49 -14.34 2.66
CA ALA B 367 -7.26 -15.80 2.76
C ALA B 367 -8.43 -16.58 2.10
N MET B 368 -9.67 -16.08 2.29
CA MET B 368 -10.89 -16.65 1.71
C MET B 368 -10.97 -16.37 0.22
N MET B 369 -10.61 -15.14 -0.21
CA MET B 369 -10.62 -14.80 -1.64
C MET B 369 -9.57 -15.66 -2.40
N LEU B 370 -8.41 -15.90 -1.76
CA LEU B 370 -7.33 -16.71 -2.34
C LEU B 370 -7.68 -18.19 -2.33
N SER B 371 -8.49 -18.65 -1.37
CA SER B 371 -8.89 -20.06 -1.31
C SER B 371 -9.83 -20.39 -2.48
N ALA B 372 -10.77 -19.47 -2.75
CA ALA B 372 -11.75 -19.58 -3.84
C ALA B 372 -11.08 -19.39 -5.20
N GLU B 373 -10.13 -18.42 -5.33
CA GLU B 373 -9.44 -18.15 -6.61
C GLU B 373 -7.94 -18.16 -6.35
N PRO B 374 -7.30 -19.36 -6.22
CA PRO B 374 -5.87 -19.43 -5.88
C PRO B 374 -4.89 -18.87 -6.90
N GLU B 375 -5.31 -18.58 -8.14
CA GLU B 375 -4.40 -18.04 -9.17
C GLU B 375 -4.29 -16.51 -9.08
N LEU B 376 -5.07 -15.87 -8.16
CA LEU B 376 -5.02 -14.40 -8.06
C LEU B 376 -3.62 -13.89 -7.83
N THR B 377 -3.17 -12.96 -8.68
CA THR B 377 -1.87 -12.33 -8.43
C THR B 377 -2.19 -11.31 -7.29
N LEU B 378 -1.17 -10.67 -6.72
CA LEU B 378 -1.35 -9.65 -5.69
C LEU B 378 -2.17 -8.44 -6.26
N ALA B 379 -1.86 -8.04 -7.51
CA ALA B 379 -2.56 -6.90 -8.15
C ALA B 379 -4.05 -7.21 -8.34
N GLU B 380 -4.39 -8.46 -8.69
CA GLU B 380 -5.79 -8.88 -8.85
C GLU B 380 -6.51 -8.93 -7.49
N LEU B 381 -5.81 -9.36 -6.43
CA LEU B 381 -6.41 -9.44 -5.09
C LEU B 381 -6.67 -8.00 -4.55
N ARG B 382 -5.69 -7.10 -4.69
CA ARG B 382 -5.84 -5.71 -4.24
C ARG B 382 -7.05 -5.04 -4.96
N GLN B 383 -7.18 -5.25 -6.28
CA GLN B 383 -8.27 -4.68 -7.09
C GLN B 383 -9.65 -5.23 -6.63
N ARG B 384 -9.72 -6.52 -6.31
CA ARG B 384 -10.95 -7.18 -5.82
C ARG B 384 -11.34 -6.64 -4.43
N LEU B 385 -10.36 -6.49 -3.51
CA LEU B 385 -10.60 -5.94 -2.17
C LEU B 385 -11.24 -4.54 -2.27
N ILE B 386 -10.74 -3.71 -3.20
CA ILE B 386 -11.23 -2.34 -3.48
C ILE B 386 -12.63 -2.41 -4.09
N HIS B 387 -12.81 -3.25 -5.11
CA HIS B 387 -14.07 -3.39 -5.82
C HIS B 387 -15.20 -3.86 -4.92
N PHE B 388 -14.93 -4.82 -4.01
CA PHE B 388 -15.95 -5.39 -3.14
C PHE B 388 -16.17 -4.61 -1.81
N SER B 389 -15.41 -3.55 -1.58
CA SER B 389 -15.55 -2.71 -0.38
C SER B 389 -16.82 -1.84 -0.47
N ALA B 390 -17.38 -1.41 0.68
CA ALA B 390 -18.52 -0.47 0.73
C ALA B 390 -17.84 0.88 0.40
N LYS B 391 -18.42 1.69 -0.48
CA LYS B 391 -17.80 2.95 -0.89
C LYS B 391 -18.50 4.16 -0.31
N ASP B 392 -17.75 5.25 -0.10
CA ASP B 392 -18.23 6.56 0.36
C ASP B 392 -19.10 6.54 1.64
N VAL B 393 -18.73 5.68 2.59
CA VAL B 393 -19.45 5.57 3.87
C VAL B 393 -18.68 6.26 4.99
N ILE B 394 -17.40 6.53 4.76
CA ILE B 394 -16.62 7.18 5.83
C ILE B 394 -16.81 8.70 5.78
N ASN B 395 -17.12 9.32 6.93
CA ASN B 395 -17.21 10.80 6.92
C ASN B 395 -15.74 11.21 7.01
N GLU B 396 -15.27 11.92 6.02
CA GLU B 396 -13.87 12.29 5.90
C GLU B 396 -13.54 13.64 6.58
N ALA B 397 -14.52 14.26 7.27
CA ALA B 397 -14.37 15.51 8.02
C ALA B 397 -13.35 15.31 9.14
N TRP B 398 -13.21 14.06 9.60
CA TRP B 398 -12.29 13.60 10.64
C TRP B 398 -10.81 13.71 10.20
N PHE B 399 -10.55 13.58 8.91
CA PHE B 399 -9.17 13.64 8.46
C PHE B 399 -8.71 15.06 8.16
N PRO B 400 -7.39 15.37 8.31
CA PRO B 400 -6.90 16.70 7.90
C PRO B 400 -7.31 16.93 6.44
N GLU B 401 -7.64 18.19 6.13
CA GLU B 401 -8.12 18.68 4.84
C GLU B 401 -7.43 18.10 3.62
N ASP B 402 -6.09 18.18 3.54
CA ASP B 402 -5.30 17.67 2.41
C ASP B 402 -5.30 16.14 2.32
N GLN B 403 -5.60 15.47 3.44
CA GLN B 403 -5.59 14.01 3.47
C GLN B 403 -6.92 13.39 3.04
N ARG B 404 -8.01 14.17 3.05
CA ARG B 404 -9.35 13.69 2.73
C ARG B 404 -9.52 13.08 1.36
N VAL B 405 -8.94 13.72 0.38
CA VAL B 405 -9.05 13.25 -0.98
C VAL B 405 -8.11 12.06 -1.20
N LEU B 406 -6.87 12.13 -0.69
CA LEU B 406 -5.83 11.10 -0.81
C LEU B 406 -6.22 9.76 -0.14
N THR B 407 -7.07 9.82 0.92
CA THR B 407 -7.49 8.66 1.70
C THR B 407 -8.66 7.90 1.03
N PRO B 408 -8.51 6.59 0.73
CA PRO B 408 -9.62 5.85 0.10
C PRO B 408 -10.83 5.74 1.02
N ASN B 409 -12.01 6.04 0.48
CA ASN B 409 -13.20 5.96 1.30
C ASN B 409 -13.81 4.60 1.00
N LEU B 410 -13.21 3.56 1.62
CA LEU B 410 -13.54 2.15 1.41
C LEU B 410 -13.58 1.41 2.71
N VAL B 411 -14.62 0.59 2.93
CA VAL B 411 -14.67 -0.25 4.14
C VAL B 411 -14.73 -1.67 3.57
N ALA B 412 -13.76 -2.51 3.94
CA ALA B 412 -13.64 -3.88 3.43
C ALA B 412 -14.92 -4.73 3.59
N ALA B 413 -15.16 -5.61 2.62
CA ALA B 413 -16.26 -6.54 2.66
C ALA B 413 -15.88 -7.78 1.88
N LEU B 414 -16.51 -8.89 2.23
CA LEU B 414 -16.33 -10.17 1.54
C LEU B 414 -17.02 -10.07 0.20
N PRO B 415 -16.55 -10.78 -0.84
CA PRO B 415 -17.24 -10.70 -2.14
C PRO B 415 -18.62 -11.39 -2.08
N PRO B 416 -19.62 -10.94 -2.88
CA PRO B 416 -20.95 -11.58 -2.84
C PRO B 416 -20.96 -13.10 -3.16
N SER B 417 -20.05 -13.56 -4.03
CA SER B 417 -19.91 -14.99 -4.38
C SER B 417 -18.43 -15.40 -4.30
N THR B 418 -18.13 -16.71 -4.27
CA THR B 418 -16.73 -17.20 -4.22
C THR B 418 -16.01 -17.01 -5.55
N HIS B 419 -16.75 -17.04 -6.69
CA HIS B 419 -16.19 -16.86 -8.04
C HIS B 419 -17.11 -16.02 -8.91
N GLY B 422 -18.22 -13.24 -17.44
CA GLY B 422 -17.22 -13.63 -16.45
C GLY B 422 -16.20 -12.54 -16.14
N TRP B 423 -15.47 -12.08 -17.17
CA TRP B 423 -14.45 -11.03 -17.01
C TRP B 423 -15.05 -9.64 -16.87
N GLN B 424 -14.55 -8.87 -15.87
CA GLN B 424 -15.01 -7.50 -15.56
C GLN B 424 -13.82 -6.54 -15.52
N LEU B 425 -14.04 -5.25 -15.80
CA LEU B 425 -12.96 -4.26 -15.78
C LEU B 425 -12.72 -3.65 -14.39
N PHE B 426 -11.56 -3.93 -13.78
CA PHE B 426 -11.18 -3.42 -12.46
C PHE B 426 -10.18 -2.29 -12.64
N CYS B 427 -10.46 -1.10 -12.08
CA CYS B 427 -9.58 0.09 -12.11
C CYS B 427 -9.54 0.64 -10.70
N ARG B 428 -8.45 1.32 -10.37
CA ARG B 428 -8.27 1.98 -9.09
C ARG B 428 -7.42 3.23 -9.33
N THR B 429 -7.46 4.14 -8.37
CA THR B 429 -6.73 5.39 -8.43
C THR B 429 -5.45 5.29 -7.58
N VAL B 430 -4.33 5.72 -8.14
CA VAL B 430 -3.03 5.70 -7.46
C VAL B 430 -2.52 7.16 -7.42
N TRP B 431 -2.27 7.69 -6.22
CA TRP B 431 -1.74 9.03 -6.04
C TRP B 431 -0.24 8.95 -5.80
N SER B 432 0.55 9.86 -6.42
CA SER B 432 2.00 9.91 -6.22
C SER B 432 2.27 10.63 -4.91
N ALA B 433 3.55 10.73 -4.52
CA ALA B 433 3.96 11.54 -3.38
C ALA B 433 3.90 12.96 -3.97
N HIS B 434 3.72 13.96 -3.11
CA HIS B 434 3.68 15.38 -3.51
C HIS B 434 5.06 15.70 -4.15
N SER B 435 5.10 16.51 -5.25
CA SER B 435 6.35 16.85 -5.98
C SER B 435 7.43 17.59 -5.16
N GLY B 436 6.99 18.42 -4.24
CA GLY B 436 7.84 19.25 -3.41
C GLY B 436 7.56 20.73 -3.71
N PRO B 437 8.37 21.69 -3.22
CA PRO B 437 8.07 23.11 -3.50
C PRO B 437 8.70 23.65 -4.78
N THR B 438 9.78 23.00 -5.26
CA THR B 438 10.61 23.33 -6.42
C THR B 438 9.82 23.94 -7.59
N ARG B 439 10.36 25.02 -8.17
CA ARG B 439 9.74 25.69 -9.30
C ARG B 439 9.68 24.74 -10.53
N MET B 440 10.64 23.80 -10.60
CA MET B 440 10.79 22.75 -11.62
C MET B 440 10.37 21.35 -11.07
N ALA B 441 9.73 21.31 -9.87
CA ALA B 441 9.28 20.05 -9.22
C ALA B 441 8.30 19.26 -10.05
N THR B 442 8.46 17.93 -10.02
CA THR B 442 7.59 16.98 -10.72
C THR B 442 7.18 15.83 -9.78
N ALA B 443 6.04 15.20 -10.07
CA ALA B 443 5.49 14.08 -9.31
C ALA B 443 5.27 12.93 -10.29
N ILE B 444 5.58 11.71 -9.87
CA ILE B 444 5.45 10.52 -10.72
C ILE B 444 4.51 9.47 -10.08
N ALA B 445 3.50 9.04 -10.83
CA ALA B 445 2.59 8.00 -10.38
C ALA B 445 2.72 6.86 -11.36
N ARG B 446 2.88 5.65 -10.83
CA ARG B 446 3.03 4.45 -11.64
C ARG B 446 2.10 3.40 -11.08
N CYS B 447 1.73 2.44 -11.93
CA CYS B 447 0.86 1.32 -11.57
C CYS B 447 1.71 0.16 -11.07
N ALA B 448 1.12 -0.69 -10.21
CA ALA B 448 1.82 -1.84 -9.62
C ALA B 448 2.13 -2.87 -10.71
N PRO B 449 3.11 -3.79 -10.53
CA PRO B 449 3.38 -4.76 -11.59
C PRO B 449 2.12 -5.55 -11.99
N ASP B 450 1.99 -5.76 -13.31
CA ASP B 450 0.96 -6.44 -14.10
C ASP B 450 -0.38 -5.63 -14.16
N GLU B 451 -0.30 -4.29 -13.99
CA GLU B 451 -1.44 -3.36 -14.11
C GLU B 451 -1.13 -2.45 -15.28
N GLU B 452 -2.16 -1.93 -15.94
CA GLU B 452 -2.01 -1.00 -17.05
C GLU B 452 -2.45 0.38 -16.60
N LEU B 453 -1.67 1.40 -16.97
CA LEU B 453 -1.99 2.77 -16.68
C LEU B 453 -2.86 3.26 -17.83
N LEU B 454 -4.14 3.57 -17.55
CA LEU B 454 -5.09 3.97 -18.57
C LEU B 454 -5.33 5.47 -18.67
N SER B 455 -4.93 6.25 -17.64
CA SER B 455 -5.09 7.70 -17.65
C SER B 455 -4.24 8.35 -16.60
N CYS B 456 -4.10 9.66 -16.72
CA CYS B 456 -3.24 10.46 -15.91
C CYS B 456 -3.81 11.85 -15.72
N SER B 457 -3.92 12.26 -14.45
CA SER B 457 -4.39 13.60 -14.11
C SER B 457 -3.43 14.22 -13.10
N SER B 458 -3.66 15.48 -12.74
CA SER B 458 -2.80 16.15 -11.76
C SER B 458 -3.62 17.06 -10.88
N PHE B 459 -3.06 17.46 -9.74
CA PHE B 459 -3.77 18.34 -8.80
C PHE B 459 -2.81 19.20 -7.97
N SER B 460 -3.23 20.43 -7.70
CA SER B 460 -2.50 21.43 -6.92
C SER B 460 -3.54 22.20 -6.13
N ARG B 461 -3.36 22.32 -4.80
CA ARG B 461 -4.31 23.05 -3.93
C ARG B 461 -4.40 24.52 -4.34
N SER B 462 -3.27 25.10 -4.80
CA SER B 462 -3.20 26.50 -5.26
C SER B 462 -3.62 26.64 -6.73
N GLY B 463 -3.51 25.54 -7.48
CA GLY B 463 -3.83 25.52 -8.91
C GLY B 463 -2.63 25.92 -9.74
N LYS B 464 -1.49 26.18 -9.09
CA LYS B 464 -0.27 26.58 -9.78
C LYS B 464 0.44 25.31 -10.22
N ARG B 465 0.14 24.89 -11.44
CA ARG B 465 0.67 23.68 -12.08
C ARG B 465 0.80 23.86 -13.60
N ARG B 466 1.57 22.99 -14.24
CA ARG B 466 1.77 22.98 -15.68
C ARG B 466 1.24 21.67 -16.33
N GLY B 467 0.21 21.10 -15.70
CA GLY B 467 -0.44 19.88 -16.17
C GLY B 467 0.33 18.60 -16.01
N GLU B 468 0.03 17.63 -16.86
CA GLU B 468 0.62 16.30 -16.75
C GLU B 468 0.77 15.56 -18.07
N ARG B 469 1.56 14.50 -18.08
CA ARG B 469 1.78 13.70 -19.27
C ARG B 469 1.97 12.22 -18.99
N MET B 470 1.53 11.40 -19.93
CA MET B 470 1.72 9.95 -19.91
C MET B 470 2.96 9.71 -20.74
N GLU B 471 3.94 9.02 -20.19
CA GLU B 471 5.20 8.74 -20.90
C GLU B 471 5.69 7.35 -20.62
N ALA B 472 6.21 6.66 -21.66
CA ALA B 472 6.72 5.30 -21.51
C ALA B 472 8.10 5.29 -20.81
N GLN B 473 8.27 4.35 -19.87
CA GLN B 473 9.46 4.13 -19.05
C GLN B 473 9.54 2.64 -18.69
N GLY B 474 10.63 1.98 -19.07
CA GLY B 474 10.87 0.56 -18.85
C GLY B 474 9.77 -0.33 -19.42
N GLY B 475 9.26 0.06 -20.60
CA GLY B 475 8.19 -0.62 -21.31
C GLY B 475 6.83 -0.50 -20.65
N LYS B 476 6.64 0.52 -19.77
CA LYS B 476 5.39 0.77 -19.04
C LYS B 476 5.06 2.26 -19.06
N LEU B 477 3.77 2.64 -19.06
CA LEU B 477 3.41 4.07 -19.05
C LEU B 477 3.47 4.59 -17.63
N VAL B 478 3.97 5.81 -17.45
CA VAL B 478 4.04 6.46 -16.15
C VAL B 478 3.26 7.77 -16.28
N CYS B 479 2.76 8.28 -15.17
CA CYS B 479 2.01 9.52 -15.10
C CYS B 479 2.90 10.58 -14.39
N ARG B 480 3.34 11.61 -15.15
CA ARG B 480 4.21 12.68 -14.62
C ARG B 480 3.49 14.01 -14.62
N ALA B 481 3.44 14.67 -13.45
CA ALA B 481 2.81 15.97 -13.24
C ALA B 481 3.89 17.02 -12.93
N HIS B 482 3.72 18.24 -13.47
CA HIS B 482 4.64 19.36 -13.41
C HIS B 482 4.15 20.50 -12.55
N ASN B 483 5.03 21.03 -11.70
CA ASN B 483 4.67 22.18 -10.85
C ASN B 483 4.87 23.48 -11.66
N ALA B 484 4.32 24.61 -11.18
CA ALA B 484 4.45 25.94 -11.78
C ALA B 484 5.20 26.88 -10.80
N PHE B 485 5.66 28.05 -11.28
CA PHE B 485 6.42 29.09 -10.59
C PHE B 485 6.09 29.26 -9.09
N GLY B 486 4.90 29.77 -8.77
CA GLY B 486 4.49 30.02 -7.40
C GLY B 486 4.25 28.85 -6.45
N GLY B 487 4.72 27.64 -6.84
CA GLY B 487 4.58 26.41 -6.05
C GLY B 487 3.15 26.04 -5.74
N GLU B 488 2.84 25.31 -4.64
CA GLU B 488 3.72 24.75 -3.61
C GLU B 488 4.10 23.29 -3.93
N GLY B 489 3.65 22.80 -5.08
CA GLY B 489 3.90 21.46 -5.56
C GLY B 489 2.67 20.82 -6.14
N VAL B 490 2.82 19.63 -6.73
CA VAL B 490 1.69 18.94 -7.36
C VAL B 490 1.68 17.43 -7.14
N TYR B 491 0.51 16.84 -7.40
CA TYR B 491 0.32 15.40 -7.34
C TYR B 491 0.04 14.89 -8.76
N ALA B 492 0.59 13.72 -9.11
CA ALA B 492 0.33 12.99 -10.36
C ALA B 492 -0.68 11.90 -9.88
N ILE B 493 -1.81 11.75 -10.60
CA ILE B 493 -2.85 10.78 -10.24
C ILE B 493 -3.08 9.85 -11.41
N ALA B 494 -2.85 8.55 -11.20
CA ALA B 494 -3.01 7.56 -12.24
C ALA B 494 -4.23 6.70 -12.02
N ARG B 495 -4.76 6.16 -13.12
CA ARG B 495 -5.84 5.21 -13.07
C ARG B 495 -5.18 3.91 -13.55
N CYS B 496 -5.13 2.92 -12.64
CA CYS B 496 -4.49 1.63 -12.81
C CYS B 496 -5.51 0.56 -12.91
N CYS B 497 -5.48 -0.17 -14.04
CA CYS B 497 -6.49 -1.18 -14.37
C CYS B 497 -5.94 -2.54 -14.69
N LEU B 498 -6.79 -3.58 -14.58
CA LEU B 498 -6.43 -4.94 -14.95
C LEU B 498 -7.00 -5.16 -16.35
N LEU B 499 -6.13 -5.12 -17.35
CA LEU B 499 -6.53 -5.30 -18.75
C LEU B 499 -5.47 -6.22 -19.38
N PRO B 500 -5.65 -7.57 -19.23
CA PRO B 500 -4.66 -8.51 -19.78
C PRO B 500 -4.66 -8.57 -21.30
N ALA B 502 -5.28 -7.01 -24.04
CA ALA B 502 -5.26 -5.70 -24.70
C ALA B 502 -3.86 -5.04 -24.81
N ASN B 503 -3.66 -4.31 -25.92
CA ASN B 503 -2.42 -3.57 -26.22
C ASN B 503 -2.72 -2.07 -26.17
N CYS B 504 -2.03 -1.33 -25.28
CA CYS B 504 -2.21 0.11 -25.11
C CYS B 504 -0.99 0.90 -25.58
N SER B 505 -1.19 2.19 -25.89
CA SER B 505 -0.14 3.09 -26.36
C SER B 505 -0.50 4.54 -26.10
N VAL B 506 0.50 5.44 -26.18
CA VAL B 506 0.28 6.88 -26.00
C VAL B 506 0.42 7.54 -27.37
N HIS B 507 -0.49 8.50 -27.69
CA HIS B 507 -0.46 9.29 -28.93
C HIS B 507 -0.28 10.72 -28.44
N THR B 508 0.80 11.37 -28.85
CA THR B 508 1.11 12.73 -28.39
C THR B 508 1.15 13.77 -29.50
N ALA B 509 0.61 14.97 -29.24
CA ALA B 509 0.69 16.10 -30.19
C ALA B 509 1.27 17.31 -29.44
N PRO B 510 2.32 17.98 -29.99
CA PRO B 510 2.89 19.16 -29.31
C PRO B 510 1.95 20.38 -29.45
N PRO B 511 2.20 21.56 -28.82
CA PRO B 511 1.27 22.70 -29.00
C PRO B 511 1.03 23.08 -30.46
N ALA B 512 -0.21 23.51 -30.78
CA ALA B 512 -0.64 23.91 -32.11
C ALA B 512 -0.81 25.42 -32.23
N ALA B 514 -2.98 28.27 -33.29
CA ALA B 514 -4.19 27.66 -33.85
C ALA B 514 -5.38 27.78 -32.89
N SER B 515 -6.49 28.39 -33.36
CA SER B 515 -7.73 28.59 -32.60
C SER B 515 -8.49 27.28 -32.32
N MET B 516 -8.19 26.22 -33.09
CA MET B 516 -8.80 24.90 -32.97
C MET B 516 -8.26 24.10 -31.75
N GLY B 517 -7.26 24.67 -31.04
CA GLY B 517 -6.62 24.04 -29.89
C GLY B 517 -5.70 22.91 -30.31
N THR B 518 -5.21 22.14 -29.34
CA THR B 518 -4.32 21.01 -29.63
C THR B 518 -5.15 19.75 -29.58
N ARG B 519 -5.04 18.90 -30.61
CA ARG B 519 -5.82 17.68 -30.69
C ARG B 519 -5.01 16.48 -31.11
N VAL B 520 -5.47 15.31 -30.65
CA VAL B 520 -4.87 14.03 -30.97
C VAL B 520 -5.99 12.97 -30.86
N HIS B 521 -5.94 11.92 -31.70
CA HIS B 521 -6.99 10.91 -31.61
C HIS B 521 -6.48 9.50 -31.85
N CYS B 522 -7.23 8.50 -31.38
CA CYS B 522 -6.90 7.08 -31.58
C CYS B 522 -7.52 6.82 -32.97
N HIS B 523 -6.71 7.06 -34.03
CA HIS B 523 -7.05 6.94 -35.46
C HIS B 523 -7.42 5.54 -35.93
N GLN B 524 -6.74 4.51 -35.38
CA GLN B 524 -6.92 3.11 -35.75
C GLN B 524 -8.29 2.53 -35.40
N GLN B 525 -8.78 1.63 -36.26
CA GLN B 525 -10.06 0.92 -36.13
C GLN B 525 -9.99 -0.07 -34.97
N GLY B 526 -11.11 -0.23 -34.26
CA GLY B 526 -11.22 -1.12 -33.12
C GLY B 526 -10.42 -0.70 -31.90
N HIS B 527 -10.00 0.58 -31.84
CA HIS B 527 -9.23 1.11 -30.70
C HIS B 527 -10.10 2.00 -29.83
N VAL B 528 -9.93 1.89 -28.50
CA VAL B 528 -10.68 2.71 -27.55
C VAL B 528 -9.78 3.77 -26.88
N LEU B 529 -10.31 4.98 -26.72
CA LEU B 529 -9.63 6.04 -26.01
C LEU B 529 -9.93 5.78 -24.52
N THR B 530 -8.91 5.63 -23.68
CA THR B 530 -9.12 5.39 -22.23
C THR B 530 -8.81 6.58 -21.33
N GLY B 531 -8.05 7.56 -21.84
CA GLY B 531 -7.66 8.71 -21.05
C GLY B 531 -6.98 9.82 -21.83
N CYS B 532 -7.15 11.08 -21.37
CA CYS B 532 -6.55 12.30 -21.96
C CYS B 532 -5.66 12.99 -20.90
N SER B 533 -4.49 13.48 -21.31
CA SER B 533 -3.54 14.21 -20.47
C SER B 533 -3.06 15.41 -21.25
N SER B 534 -2.69 16.47 -20.55
CA SER B 534 -2.19 17.68 -21.20
C SER B 534 -1.19 18.42 -20.33
N HIS B 535 -0.08 18.86 -20.91
CA HIS B 535 0.94 19.62 -20.19
C HIS B 535 1.39 20.84 -21.01
N TRP B 536 1.80 21.92 -20.32
CA TRP B 536 2.27 23.15 -20.97
C TRP B 536 3.63 23.57 -20.41
N GLU B 537 4.46 24.22 -21.25
CA GLU B 537 5.79 24.70 -20.84
C GLU B 537 5.67 26.12 -20.28
N VAL B 538 4.82 26.94 -20.92
CA VAL B 538 4.52 28.35 -20.61
C VAL B 538 3.95 28.54 -19.18
N GLU B 539 4.64 29.38 -18.38
CA GLU B 539 4.36 29.74 -16.99
C GLU B 539 2.88 29.97 -16.67
N ASP B 540 2.16 30.74 -17.53
CA ASP B 540 0.75 31.08 -17.37
C ASP B 540 0.03 31.17 -18.73
N LEU B 541 -1.29 30.88 -18.73
CA LEU B 541 -2.16 30.90 -19.92
C LEU B 541 -2.29 32.29 -20.56
N GLN B 554 -15.32 15.14 -29.89
CA GLN B 554 -15.29 14.06 -30.87
C GLN B 554 -14.88 12.72 -30.24
N PRO B 555 -15.53 11.58 -30.61
CA PRO B 555 -15.15 10.29 -30.01
C PRO B 555 -13.72 9.88 -30.36
N ASN B 556 -13.04 9.24 -29.38
CA ASN B 556 -11.67 8.74 -29.48
C ASN B 556 -10.65 9.87 -29.69
N GLN B 557 -11.02 11.11 -29.34
CA GLN B 557 -10.19 12.31 -29.49
C GLN B 557 -10.01 13.12 -28.18
N CYS B 558 -8.77 13.57 -27.92
CA CYS B 558 -8.41 14.42 -26.77
C CYS B 558 -8.20 15.83 -27.28
N VAL B 559 -8.67 16.83 -26.53
CA VAL B 559 -8.55 18.25 -26.85
C VAL B 559 -7.86 19.01 -25.70
N GLY B 560 -6.82 19.78 -26.03
CA GLY B 560 -6.09 20.59 -25.08
C GLY B 560 -6.02 22.05 -25.51
N HIS B 561 -5.43 22.89 -24.64
CA HIS B 561 -5.23 24.32 -24.91
C HIS B 561 -4.20 24.45 -26.04
N ARG B 562 -4.31 25.53 -26.85
CA ARG B 562 -3.41 25.79 -27.99
C ARG B 562 -1.93 25.86 -27.62
N GLU B 563 -1.62 26.26 -26.37
CA GLU B 563 -0.24 26.39 -25.88
C GLU B 563 0.24 25.12 -25.15
N ALA B 564 -0.57 24.05 -25.20
CA ALA B 564 -0.27 22.81 -24.49
C ALA B 564 -0.17 21.60 -25.38
N SER B 565 0.63 20.61 -24.95
CA SER B 565 0.79 19.33 -25.62
C SER B 565 -0.39 18.46 -25.11
N ILE B 566 -0.84 17.52 -25.92
CA ILE B 566 -1.96 16.64 -25.63
C ILE B 566 -1.51 15.20 -25.77
N HIS B 567 -1.98 14.33 -24.87
CA HIS B 567 -1.58 12.93 -24.82
C HIS B 567 -2.81 12.09 -24.70
N ALA B 568 -2.88 11.02 -25.50
CA ALA B 568 -4.03 10.13 -25.47
C ALA B 568 -3.58 8.70 -25.21
N SER B 569 -4.30 8.00 -24.30
CA SER B 569 -4.02 6.61 -24.03
C SER B 569 -5.00 5.87 -24.95
N CYS B 570 -4.45 5.09 -25.88
CA CYS B 570 -5.20 4.34 -26.89
C CYS B 570 -5.03 2.84 -26.67
N CYS B 571 -6.14 2.11 -26.49
CA CYS B 571 -6.10 0.67 -26.25
C CYS B 571 -6.83 -0.15 -27.29
N HIS B 572 -6.22 -1.26 -27.72
CA HIS B 572 -6.86 -2.19 -28.65
C HIS B 572 -7.42 -3.23 -27.69
N ALA B 573 -8.71 -3.12 -27.37
CA ALA B 573 -9.42 -3.98 -26.42
C ALA B 573 -10.79 -4.27 -27.05
N PRO B 574 -10.91 -5.37 -27.85
CA PRO B 574 -12.19 -5.66 -28.53
C PRO B 574 -13.36 -6.02 -27.61
N GLY B 575 -13.04 -6.57 -26.43
CA GLY B 575 -14.07 -6.92 -25.46
C GLY B 575 -14.53 -5.73 -24.64
N LEU B 576 -14.04 -4.51 -24.96
CA LEU B 576 -14.37 -3.30 -24.22
C LEU B 576 -15.21 -2.29 -24.99
N GLU B 577 -16.21 -1.73 -24.30
CA GLU B 577 -17.07 -0.68 -24.81
C GLU B 577 -16.82 0.54 -23.92
N CYS B 578 -16.54 1.71 -24.53
CA CYS B 578 -16.27 2.96 -23.80
C CYS B 578 -17.14 4.12 -24.30
N LYS B 579 -17.53 4.99 -23.37
CA LYS B 579 -18.28 6.22 -23.62
C LYS B 579 -17.65 7.33 -22.81
N VAL B 580 -17.78 8.56 -23.29
CA VAL B 580 -17.27 9.78 -22.68
C VAL B 580 -18.51 10.54 -22.15
N LYS B 581 -18.55 10.74 -20.82
CA LYS B 581 -19.63 11.44 -20.18
C LYS B 581 -19.09 12.79 -19.64
N GLU B 582 -19.70 13.90 -20.09
CA GLU B 582 -19.32 15.25 -19.68
C GLU B 582 -20.39 15.91 -18.84
N HIS B 583 -19.98 16.80 -17.94
CA HIS B 583 -20.88 17.57 -17.09
C HIS B 583 -20.23 18.92 -16.81
N GLY B 584 -20.88 19.99 -17.25
CA GLY B 584 -20.39 21.35 -17.09
C GLY B 584 -21.37 22.28 -16.41
N ILE B 585 -20.92 22.95 -15.33
CA ILE B 585 -21.72 23.91 -14.54
C ILE B 585 -21.01 25.28 -14.45
N PRO B 586 -21.75 26.42 -14.34
CA PRO B 586 -21.07 27.72 -14.25
C PRO B 586 -20.82 28.16 -12.81
N GLN B 589 -18.49 27.95 -8.64
CA GLN B 589 -18.49 26.55 -8.23
C GLN B 589 -17.07 26.03 -7.99
N GLU B 590 -16.81 25.49 -6.78
CA GLU B 590 -15.52 24.94 -6.37
C GLU B 590 -15.27 23.47 -6.79
N GLN B 591 -16.34 22.71 -7.06
CA GLN B 591 -16.25 21.30 -7.45
C GLN B 591 -17.31 20.86 -8.44
N VAL B 592 -16.89 20.26 -9.57
CA VAL B 592 -17.82 19.70 -10.57
C VAL B 592 -17.51 18.19 -10.64
N THR B 593 -18.54 17.35 -10.58
CA THR B 593 -18.38 15.89 -10.62
C THR B 593 -19.24 15.28 -11.72
N VAL B 594 -18.84 14.12 -12.21
CA VAL B 594 -19.56 13.33 -13.21
C VAL B 594 -19.22 11.85 -12.94
N ALA B 595 -20.24 11.00 -12.83
CA ALA B 595 -20.03 9.61 -12.51
C ALA B 595 -20.46 8.64 -13.57
N CYS B 596 -19.70 7.56 -13.74
CA CYS B 596 -20.04 6.48 -14.65
C CYS B 596 -21.25 5.78 -14.04
N GLU B 597 -22.13 5.25 -14.88
CA GLU B 597 -23.29 4.53 -14.37
C GLU B 597 -22.86 3.18 -13.80
N GLU B 598 -23.73 2.55 -12.99
CA GLU B 598 -23.47 1.25 -12.36
C GLU B 598 -23.15 0.22 -13.43
N GLY B 599 -22.14 -0.60 -13.16
CA GLY B 599 -21.69 -1.63 -14.10
C GLY B 599 -20.61 -1.12 -15.04
N TRP B 600 -20.33 0.21 -15.03
CA TRP B 600 -19.29 0.81 -15.87
C TRP B 600 -18.10 1.19 -14.98
N THR B 601 -16.90 1.11 -15.53
CA THR B 601 -15.70 1.46 -14.77
C THR B 601 -15.10 2.74 -15.34
N LEU B 602 -14.82 3.71 -14.47
CA LEU B 602 -14.16 4.96 -14.87
C LEU B 602 -12.70 4.64 -15.19
N THR B 603 -12.25 4.96 -16.41
CA THR B 603 -10.86 4.70 -16.81
C THR B 603 -10.10 6.02 -16.83
N GLY B 604 -10.81 7.11 -17.02
CA GLY B 604 -10.20 8.43 -17.15
C GLY B 604 -11.02 9.58 -16.65
N CYS B 605 -10.34 10.56 -16.08
CA CYS B 605 -10.96 11.74 -15.51
C CYS B 605 -10.15 12.99 -15.86
N SER B 606 -10.78 13.99 -16.44
CA SER B 606 -10.10 15.25 -16.80
C SER B 606 -11.07 16.43 -16.84
N ALA B 607 -10.52 17.64 -16.96
CA ALA B 607 -11.27 18.89 -17.06
C ALA B 607 -11.25 19.34 -18.54
N LEU B 608 -12.36 19.92 -19.08
CA LEU B 608 -12.34 20.42 -20.47
C LEU B 608 -11.48 21.69 -20.51
N PRO B 609 -10.61 21.89 -21.53
CA PRO B 609 -9.76 23.11 -21.55
C PRO B 609 -10.51 24.44 -21.64
N SER B 612 -12.71 28.89 -14.71
CA SER B 612 -11.85 28.77 -15.88
C SER B 612 -10.48 28.18 -15.54
N HIS B 613 -9.96 28.47 -14.31
CA HIS B 613 -8.68 27.96 -13.84
C HIS B 613 -8.95 26.79 -12.88
N VAL B 614 -8.49 25.59 -13.25
CA VAL B 614 -8.73 24.42 -12.43
C VAL B 614 -7.51 24.02 -11.61
N LEU B 615 -7.77 23.62 -10.35
CA LEU B 615 -6.79 23.17 -9.37
C LEU B 615 -6.29 21.80 -9.84
N GLY B 616 -7.20 21.06 -10.47
CA GLY B 616 -6.91 19.75 -11.03
C GLY B 616 -8.11 18.84 -11.11
N ALA B 617 -7.86 17.58 -11.38
CA ALA B 617 -8.93 16.58 -11.48
C ALA B 617 -8.44 15.26 -10.92
N TYR B 618 -9.38 14.45 -10.42
CA TYR B 618 -9.07 13.12 -9.89
C TYR B 618 -10.29 12.25 -9.83
N ALA B 619 -10.08 10.95 -10.03
CA ALA B 619 -11.12 9.94 -9.98
C ALA B 619 -11.27 9.52 -8.50
N VAL B 620 -12.50 9.38 -8.04
CA VAL B 620 -12.86 8.92 -6.69
C VAL B 620 -13.80 7.77 -7.03
N ASP B 621 -13.31 6.52 -6.88
CA ASP B 621 -14.03 5.30 -7.28
C ASP B 621 -14.44 5.45 -8.78
N ASN B 622 -15.75 5.55 -9.12
CA ASN B 622 -16.12 5.72 -10.52
C ASN B 622 -16.69 7.10 -10.82
N THR B 623 -16.28 8.08 -10.02
CA THR B 623 -16.68 9.47 -10.16
C THR B 623 -15.47 10.34 -10.49
N CYS B 624 -15.61 11.20 -11.52
CA CYS B 624 -14.56 12.13 -11.91
C CYS B 624 -14.82 13.43 -11.16
N VAL B 625 -13.81 13.95 -10.46
CA VAL B 625 -13.94 15.18 -9.69
C VAL B 625 -13.02 16.24 -10.29
N VAL B 626 -13.58 17.42 -10.60
CA VAL B 626 -12.81 18.55 -11.12
C VAL B 626 -12.96 19.68 -10.09
N ARG B 627 -11.82 20.17 -9.58
CA ARG B 627 -11.75 21.25 -8.59
C ARG B 627 -11.31 22.57 -9.24
N SER B 628 -12.04 23.65 -8.99
CA SER B 628 -11.71 24.95 -9.54
C SER B 628 -11.75 26.03 -8.45
N ARG B 629 -11.08 27.17 -8.71
CA ARG B 629 -11.02 28.31 -7.80
C ARG B 629 -12.32 29.13 -7.87
N ALA B 641 -17.65 28.14 -18.58
CA ALA B 641 -17.97 27.30 -17.42
C ALA B 641 -16.83 26.28 -17.14
N VAL B 642 -17.06 25.36 -16.18
CA VAL B 642 -16.10 24.33 -15.79
C VAL B 642 -16.74 22.98 -16.11
N THR B 643 -16.05 22.13 -16.90
CA THR B 643 -16.55 20.82 -17.30
C THR B 643 -15.67 19.64 -16.88
N ALA B 644 -16.28 18.67 -16.16
CA ALA B 644 -15.67 17.40 -15.75
C ALA B 644 -15.96 16.41 -16.88
N VAL B 645 -14.93 15.66 -17.33
CA VAL B 645 -15.03 14.70 -18.43
C VAL B 645 -14.60 13.32 -17.93
N ALA B 646 -15.51 12.37 -17.96
CA ALA B 646 -15.24 11.01 -17.53
C ALA B 646 -15.25 10.04 -18.71
N ILE B 647 -14.28 9.12 -18.74
CA ILE B 647 -14.23 8.06 -19.74
C ILE B 647 -14.64 6.81 -18.98
N CYS B 648 -15.78 6.22 -19.39
CA CYS B 648 -16.39 5.05 -18.78
C CYS B 648 -16.31 3.85 -19.72
N CYS B 649 -15.81 2.70 -19.23
CA CYS B 649 -15.71 1.46 -20.01
C CYS B 649 -16.35 0.27 -19.28
N ARG B 650 -16.72 -0.76 -20.04
CA ARG B 650 -17.26 -2.01 -19.50
C ARG B 650 -16.96 -3.13 -20.47
N SER B 651 -16.94 -4.37 -19.96
CA SER B 651 -16.74 -5.57 -20.76
C SER B 651 -18.04 -5.82 -21.57
N ARG B 652 -17.92 -6.13 -22.86
CA ARG B 652 -19.04 -6.37 -23.77
C ARG B 652 -19.71 -7.71 -23.45
#